data_8AAK
#
_entry.id   8AAK
#
_cell.length_a   34.660
_cell.length_b   96.910
_cell.length_c   103.820
_cell.angle_alpha   90.000
_cell.angle_beta   90.000
_cell.angle_gamma   90.000
#
_symmetry.space_group_name_H-M   'P 21 21 21'
#
loop_
_entity.id
_entity.type
_entity.pdbx_description
1 polymer Syntenin-1
2 non-polymer '(2~{S})-2-[[(2~{S})-2-(3-oxidanylidene-1~{H}-isoindol-2-yl)-3-phenyl-propanoyl]amino]propanoic acid'
3 non-polymer GLYCEROL
4 water water
#
_entity_poly.entity_id   1
_entity_poly.type   'polypeptide(L)'
_entity_poly.pdbx_seq_one_letter_code
;GAMDPREVILCKDQDGKIGLRLKSIDNGIFVQLVQANSPASLVGLRFGDQVLQINGENCAGWSSDKAHKVLKQAFGEKIT
MTIRDRPFERTITMHKDSTGHVGFIFKNGKITSIVKDSSAARNGLLTEHNICEINGQNVIGLKDSQIADILSTSGTVVTI
TIMPAF
;
_entity_poly.pdbx_strand_id   A,B
#
loop_
_chem_comp.id
_chem_comp.type
_chem_comp.name
_chem_comp.formula
GOL non-polymer GLYCEROL 'C3 H8 O3'
LL6 non-polymer '(2~{S})-2-[[(2~{S})-2-(3-oxidanylidene-1~{H}-isoindol-2-yl)-3-phenyl-propanoyl]amino]propanoic acid' 'C20 H20 N2 O4'
#
# COMPACT_ATOMS: atom_id res chain seq x y z
N ASP A 4 -7.19 13.13 9.71
CA ASP A 4 -6.84 12.68 8.36
C ASP A 4 -8.06 12.56 7.40
N PRO A 5 -9.15 11.79 7.69
CA PRO A 5 -10.29 11.75 6.74
C PRO A 5 -11.04 13.08 6.64
N ARG A 6 -11.82 13.25 5.56
CA ARG A 6 -12.55 14.48 5.34
C ARG A 6 -14.01 14.24 4.98
N GLU A 7 -14.89 15.14 5.43
CA GLU A 7 -16.31 15.02 5.12
C GLU A 7 -16.61 15.86 3.89
N VAL A 8 -17.22 15.23 2.89
CA VAL A 8 -17.52 15.85 1.62
C VAL A 8 -19.03 15.86 1.34
N ILE A 9 -19.52 16.87 0.60
CA ILE A 9 -20.95 16.96 0.29
C ILE A 9 -21.18 17.04 -1.21
N LEU A 10 -21.92 16.07 -1.74
CA LEU A 10 -22.24 15.96 -3.16
C LEU A 10 -23.72 16.30 -3.42
N CYS A 11 -24.06 16.56 -4.69
CA CYS A 11 -25.43 16.86 -5.14
C CYS A 11 -25.69 15.95 -6.33
N LYS A 12 -26.72 15.09 -6.29
CA LYS A 12 -27.01 14.20 -7.42
C LYS A 12 -27.26 14.98 -8.72
N ASP A 13 -26.79 14.45 -9.86
CA ASP A 13 -26.92 15.15 -11.13
C ASP A 13 -28.34 15.00 -11.77
N GLN A 14 -28.48 15.36 -13.08
CA GLN A 14 -29.72 15.32 -13.86
C GLN A 14 -30.39 13.94 -13.99
N ASP A 15 -29.61 12.85 -13.93
CA ASP A 15 -30.13 11.48 -14.09
C ASP A 15 -30.25 10.66 -12.78
N GLY A 16 -29.97 11.29 -11.64
CA GLY A 16 -29.99 10.62 -10.36
C GLY A 16 -28.72 9.84 -10.06
N LYS A 17 -27.65 10.09 -10.86
CA LYS A 17 -26.34 9.46 -10.74
C LYS A 17 -25.31 10.40 -10.11
N ILE A 18 -24.28 9.84 -9.46
CA ILE A 18 -23.26 10.63 -8.80
C ILE A 18 -21.90 10.70 -9.57
N GLY A 19 -21.79 9.96 -10.67
CA GLY A 19 -20.59 9.92 -11.49
C GLY A 19 -19.49 9.16 -10.80
N LEU A 20 -19.83 8.01 -10.23
CA LEU A 20 -18.84 7.21 -9.50
C LEU A 20 -19.07 5.71 -9.68
N ARG A 21 -18.00 4.92 -9.53
CA ARG A 21 -18.01 3.46 -9.56
C ARG A 21 -17.17 3.04 -8.37
N LEU A 22 -17.68 2.17 -7.50
CA LEU A 22 -16.99 1.73 -6.29
C LEU A 22 -16.62 0.25 -6.32
N LYS A 23 -15.53 -0.10 -5.63
CA LYS A 23 -14.99 -1.45 -5.60
C LYS A 23 -14.73 -1.95 -4.17
N SER A 24 -15.17 -3.16 -3.90
CA SER A 24 -15.05 -3.79 -2.60
C SER A 24 -13.70 -4.46 -2.46
N ILE A 25 -12.77 -3.82 -1.76
CA ILE A 25 -11.44 -4.36 -1.52
C ILE A 25 -11.21 -4.54 -0.04
N ASP A 26 -10.97 -5.78 0.38
CA ASP A 26 -10.63 -6.17 1.75
C ASP A 26 -11.56 -5.61 2.85
N ASN A 27 -12.88 -5.79 2.68
CA ASN A 27 -13.92 -5.34 3.61
C ASN A 27 -14.01 -3.81 3.77
N GLY A 28 -13.60 -3.10 2.73
CA GLY A 28 -13.66 -1.65 2.62
C GLY A 28 -14.18 -1.25 1.25
N ILE A 29 -14.49 0.03 1.08
CA ILE A 29 -15.01 0.54 -0.19
C ILE A 29 -14.06 1.55 -0.80
N PHE A 30 -13.76 1.40 -2.09
CA PHE A 30 -12.81 2.26 -2.77
C PHE A 30 -13.35 2.82 -4.06
N VAL A 31 -12.99 4.07 -4.38
CA VAL A 31 -13.41 4.69 -5.65
C VAL A 31 -12.62 4.04 -6.79
N GLN A 32 -13.32 3.39 -7.72
CA GLN A 32 -12.71 2.70 -8.86
C GLN A 32 -12.67 3.60 -10.08
N LEU A 33 -13.70 4.42 -10.28
CA LEU A 33 -13.78 5.31 -11.42
C LEU A 33 -14.50 6.59 -11.05
N VAL A 34 -14.04 7.73 -11.54
CA VAL A 34 -14.72 9.00 -11.34
C VAL A 34 -14.95 9.59 -12.73
N GLN A 35 -16.20 9.87 -13.11
CA GLN A 35 -16.48 10.44 -14.42
C GLN A 35 -16.15 11.92 -14.45
N ALA A 36 -15.48 12.40 -15.52
CA ALA A 36 -15.10 13.82 -15.60
C ALA A 36 -16.33 14.74 -15.58
N ASN A 37 -16.18 15.94 -14.97
CA ASN A 37 -17.25 16.95 -14.86
C ASN A 37 -18.54 16.43 -14.17
N SER A 38 -18.39 15.55 -13.18
CA SER A 38 -19.54 14.98 -12.46
C SER A 38 -19.58 15.43 -10.97
N PRO A 39 -20.69 15.23 -10.23
CA PRO A 39 -20.71 15.64 -8.81
C PRO A 39 -19.53 15.14 -7.98
N ALA A 40 -19.05 13.91 -8.23
CA ALA A 40 -17.89 13.34 -7.54
C ALA A 40 -16.58 14.08 -7.85
N SER A 41 -16.37 14.43 -9.14
CA SER A 41 -15.19 15.14 -9.62
C SER A 41 -15.11 16.53 -9.01
N LEU A 42 -16.24 17.23 -8.91
CA LEU A 42 -16.32 18.57 -8.35
C LEU A 42 -15.79 18.63 -6.92
N VAL A 43 -16.20 17.69 -6.04
CA VAL A 43 -15.75 17.68 -4.64
C VAL A 43 -14.28 17.25 -4.46
N GLY A 44 -13.69 16.63 -5.47
CA GLY A 44 -12.31 16.20 -5.39
C GLY A 44 -12.13 14.72 -5.23
N LEU A 45 -13.17 13.93 -5.54
CA LEU A 45 -13.08 12.48 -5.45
C LEU A 45 -12.20 11.96 -6.57
N ARG A 46 -11.20 11.14 -6.21
CA ARG A 46 -10.25 10.60 -7.18
C ARG A 46 -10.21 9.06 -7.15
N PHE A 47 -9.58 8.44 -8.16
CA PHE A 47 -9.42 6.99 -8.19
C PHE A 47 -8.57 6.54 -6.96
N GLY A 48 -8.90 5.41 -6.38
CA GLY A 48 -8.17 4.88 -5.23
C GLY A 48 -8.47 5.51 -3.88
N ASP A 49 -9.44 6.40 -3.82
CA ASP A 49 -9.86 7.02 -2.56
C ASP A 49 -10.72 6.03 -1.80
N GLN A 50 -10.67 6.03 -0.45
CA GLN A 50 -11.45 5.11 0.36
C GLN A 50 -12.72 5.76 0.90
N VAL A 51 -13.88 5.14 0.66
CA VAL A 51 -15.13 5.67 1.18
C VAL A 51 -15.43 5.03 2.53
N LEU A 52 -15.22 5.77 3.63
CA LEU A 52 -15.43 5.24 4.99
C LEU A 52 -16.91 5.23 5.37
N GLN A 53 -17.67 6.25 4.93
CA GLN A 53 -19.08 6.37 5.29
C GLN A 53 -19.87 7.07 4.23
N ILE A 54 -21.12 6.65 4.07
CA ILE A 54 -22.06 7.30 3.15
C ILE A 54 -23.30 7.59 4.00
N ASN A 55 -23.69 8.87 4.10
CA ASN A 55 -24.84 9.32 4.91
C ASN A 55 -24.73 8.94 6.40
N GLY A 56 -23.51 8.90 6.91
CA GLY A 56 -23.28 8.54 8.32
C GLY A 56 -23.28 7.05 8.62
N GLU A 57 -23.26 6.22 7.56
CA GLU A 57 -23.25 4.75 7.70
C GLU A 57 -21.87 4.18 7.34
N ASN A 58 -21.30 3.39 8.24
CA ASN A 58 -20.02 2.74 8.01
C ASN A 58 -20.09 1.79 6.83
N CYS A 59 -19.26 2.01 5.81
CA CYS A 59 -19.24 1.15 4.63
C CYS A 59 -18.58 -0.20 4.85
N ALA A 60 -17.90 -0.41 5.97
CA ALA A 60 -17.22 -1.68 6.28
C ALA A 60 -18.04 -2.94 5.96
N GLY A 61 -17.50 -3.80 5.11
CA GLY A 61 -18.12 -5.06 4.72
C GLY A 61 -19.04 -5.02 3.52
N TRP A 62 -19.43 -3.80 3.10
CA TRP A 62 -20.36 -3.64 1.98
C TRP A 62 -19.79 -4.19 0.69
N SER A 63 -20.61 -4.85 -0.10
CA SER A 63 -20.19 -5.34 -1.41
C SER A 63 -20.20 -4.17 -2.42
N SER A 64 -19.67 -4.39 -3.64
CA SER A 64 -19.69 -3.37 -4.68
C SER A 64 -21.14 -3.03 -5.02
N ASP A 65 -22.00 -4.07 -5.12
CA ASP A 65 -23.42 -3.93 -5.39
C ASP A 65 -24.11 -3.15 -4.29
N LYS A 66 -23.99 -3.55 -3.00
CA LYS A 66 -24.64 -2.86 -1.90
C LYS A 66 -24.34 -1.37 -1.86
N ALA A 67 -23.07 -0.99 -1.99
CA ALA A 67 -22.69 0.43 -1.98
C ALA A 67 -23.29 1.19 -3.17
N HIS A 68 -23.42 0.53 -4.34
CA HIS A 68 -24.04 1.18 -5.51
C HIS A 68 -25.53 1.39 -5.28
N LYS A 69 -26.19 0.41 -4.66
CA LYS A 69 -27.61 0.47 -4.35
C LYS A 69 -27.89 1.58 -3.35
N VAL A 70 -27.02 1.75 -2.35
CA VAL A 70 -27.16 2.79 -1.33
C VAL A 70 -27.19 4.18 -1.96
N LEU A 71 -26.28 4.40 -2.89
CA LEU A 71 -26.15 5.66 -3.59
C LEU A 71 -27.33 5.88 -4.53
N LYS A 72 -27.81 4.80 -5.18
CA LYS A 72 -28.94 4.87 -6.11
C LYS A 72 -30.22 5.25 -5.38
N GLN A 73 -30.42 4.64 -4.20
CA GLN A 73 -31.59 4.85 -3.34
C GLN A 73 -31.27 5.83 -2.20
N ALA A 74 -30.47 6.86 -2.48
CA ALA A 74 -30.12 7.85 -1.45
C ALA A 74 -31.20 8.91 -1.36
N PHE A 75 -31.48 9.36 -0.16
CA PHE A 75 -32.53 10.34 0.08
C PHE A 75 -32.19 11.74 -0.39
N GLY A 76 -33.07 12.27 -1.23
CA GLY A 76 -32.94 13.62 -1.72
C GLY A 76 -31.72 13.95 -2.56
N GLU A 77 -31.51 15.26 -2.71
CA GLU A 77 -30.50 15.94 -3.49
C GLU A 77 -29.06 15.82 -2.92
N LYS A 78 -28.84 16.17 -1.63
CA LYS A 78 -27.52 16.16 -0.98
C LYS A 78 -27.12 14.79 -0.44
N ILE A 79 -25.82 14.42 -0.63
CA ILE A 79 -25.23 13.17 -0.13
C ILE A 79 -23.95 13.46 0.65
N THR A 80 -23.85 12.95 1.88
CA THR A 80 -22.69 13.15 2.74
C THR A 80 -21.78 11.92 2.63
N MET A 81 -20.47 12.14 2.71
CA MET A 81 -19.49 11.08 2.62
C MET A 81 -18.26 11.37 3.47
N THR A 82 -17.72 10.35 4.17
CA THR A 82 -16.46 10.50 4.88
C THR A 82 -15.45 9.80 4.00
N ILE A 83 -14.42 10.51 3.57
CA ILE A 83 -13.42 9.97 2.65
C ILE A 83 -12.01 9.99 3.22
N ARG A 84 -11.23 8.92 2.98
CA ARG A 84 -9.83 8.83 3.34
C ARG A 84 -9.01 8.83 2.03
N ASP A 85 -8.22 9.91 1.78
CA ASP A 85 -7.40 10.09 0.58
C ASP A 85 -6.40 8.95 0.31
N ARG A 86 -6.47 8.35 -0.91
CA ARG A 86 -5.67 7.24 -1.44
C ARG A 86 -4.79 6.52 -0.42
N PRO A 87 -5.33 5.50 0.24
CA PRO A 87 -4.55 4.78 1.26
C PRO A 87 -3.42 3.91 0.67
N PHE A 88 -3.62 3.39 -0.54
CA PHE A 88 -2.62 2.55 -1.19
C PHE A 88 -1.56 3.36 -2.00
N GLU A 89 -1.65 4.71 -1.95
CA GLU A 89 -0.76 5.64 -2.62
C GLU A 89 0.60 5.53 -1.99
N ARG A 90 1.64 5.54 -2.83
CA ARG A 90 3.03 5.51 -2.41
C ARG A 90 3.85 6.34 -3.40
N THR A 91 4.90 7.00 -2.92
CA THR A 91 5.71 7.85 -3.80
C THR A 91 7.08 7.24 -4.05
N ILE A 92 7.55 7.27 -5.31
CA ILE A 92 8.85 6.71 -5.72
C ILE A 92 9.62 7.73 -6.55
N THR A 93 10.94 7.74 -6.43
CA THR A 93 11.75 8.70 -7.16
C THR A 93 12.75 8.02 -8.06
N MET A 94 12.70 8.38 -9.36
CA MET A 94 13.66 7.89 -10.32
C MET A 94 14.48 9.03 -10.96
N HIS A 95 15.55 8.68 -11.66
CA HIS A 95 16.44 9.64 -12.27
C HIS A 95 16.67 9.25 -13.71
N LYS A 96 16.49 10.20 -14.62
CA LYS A 96 16.66 9.99 -16.06
C LYS A 96 18.09 9.67 -16.45
N ASP A 97 18.25 8.80 -17.44
CA ASP A 97 19.58 8.44 -17.94
C ASP A 97 19.99 9.37 -19.11
N SER A 98 21.12 9.09 -19.82
CA SER A 98 21.61 9.85 -20.96
C SER A 98 20.51 10.06 -22.02
N THR A 99 19.75 8.98 -22.33
CA THR A 99 18.65 9.02 -23.30
C THR A 99 17.39 9.78 -22.80
N GLY A 100 17.38 10.19 -21.54
CA GLY A 100 16.29 10.93 -20.93
C GLY A 100 15.17 10.05 -20.46
N HIS A 101 15.45 8.78 -20.17
CA HIS A 101 14.40 7.87 -19.68
C HIS A 101 14.70 7.29 -18.28
N VAL A 102 13.64 6.92 -17.52
CA VAL A 102 13.71 6.31 -16.19
C VAL A 102 13.58 4.76 -16.26
N GLY A 103 13.03 4.21 -17.34
CA GLY A 103 13.01 2.78 -17.54
C GLY A 103 11.73 1.97 -17.41
N PHE A 104 10.54 2.56 -17.59
CA PHE A 104 9.32 1.73 -17.57
C PHE A 104 8.42 1.97 -18.80
N ILE A 105 7.73 0.88 -19.21
CA ILE A 105 6.72 0.87 -20.26
C ILE A 105 5.32 0.93 -19.58
N PHE A 106 4.43 1.76 -20.13
CA PHE A 106 3.09 1.87 -19.57
C PHE A 106 1.98 1.81 -20.61
N LYS A 107 0.80 1.34 -20.21
CA LYS A 107 -0.36 1.29 -21.10
C LYS A 107 -1.59 1.62 -20.31
N ASN A 108 -2.36 2.60 -20.81
CA ASN A 108 -3.56 3.12 -20.13
C ASN A 108 -3.25 3.60 -18.70
N GLY A 109 -2.10 4.27 -18.53
CA GLY A 109 -1.64 4.79 -17.25
C GLY A 109 -1.20 3.78 -16.22
N LYS A 110 -1.02 2.51 -16.64
CA LYS A 110 -0.59 1.41 -15.78
C LYS A 110 0.82 0.95 -16.19
N ILE A 111 1.71 0.78 -15.21
CA ILE A 111 3.05 0.29 -15.43
C ILE A 111 2.95 -1.21 -15.83
N THR A 112 3.44 -1.57 -17.04
CA THR A 112 3.33 -2.96 -17.51
C THR A 112 4.67 -3.71 -17.54
N SER A 113 5.82 -2.98 -17.65
CA SER A 113 7.14 -3.60 -17.66
C SER A 113 8.25 -2.65 -17.22
N ILE A 114 9.32 -3.24 -16.66
CA ILE A 114 10.47 -2.51 -16.13
C ILE A 114 11.67 -2.88 -16.97
N VAL A 115 12.40 -1.88 -17.45
CA VAL A 115 13.54 -2.09 -18.32
C VAL A 115 14.82 -2.37 -17.55
N LYS A 116 15.50 -3.45 -17.92
CA LYS A 116 16.78 -3.91 -17.42
C LYS A 116 17.80 -2.78 -17.31
N ASP A 117 18.52 -2.70 -16.19
CA ASP A 117 19.57 -1.70 -15.96
C ASP A 117 19.08 -0.25 -16.00
N SER A 118 17.88 0.00 -15.49
CA SER A 118 17.30 1.33 -15.49
C SER A 118 17.03 1.83 -14.07
N SER A 119 16.65 3.12 -13.95
CA SER A 119 16.30 3.69 -12.67
C SER A 119 15.02 3.07 -12.11
N ALA A 120 14.10 2.60 -12.96
CA ALA A 120 12.89 1.89 -12.49
C ALA A 120 13.28 0.55 -11.90
N ALA A 121 14.27 -0.14 -12.51
CA ALA A 121 14.71 -1.45 -12.06
C ALA A 121 15.44 -1.30 -10.73
N ARG A 122 16.45 -0.37 -10.66
CA ARG A 122 17.23 -0.06 -9.46
C ARG A 122 16.36 0.34 -8.27
N ASN A 123 15.32 1.14 -8.52
CA ASN A 123 14.43 1.64 -7.50
C ASN A 123 13.32 0.66 -7.11
N GLY A 124 13.22 -0.49 -7.79
CA GLY A 124 12.22 -1.49 -7.46
C GLY A 124 10.79 -1.10 -7.81
N LEU A 125 10.61 -0.38 -8.89
CA LEU A 125 9.27 0.04 -9.33
C LEU A 125 8.38 -1.19 -9.71
N LEU A 126 7.13 -1.25 -9.20
CA LEU A 126 6.28 -2.39 -9.44
C LEU A 126 5.33 -2.25 -10.62
N THR A 127 5.11 -3.39 -11.31
CA THR A 127 4.19 -3.52 -12.42
C THR A 127 2.78 -3.70 -11.87
N GLU A 128 1.76 -3.57 -12.75
CA GLU A 128 0.35 -3.61 -12.35
C GLU A 128 0.04 -2.52 -11.36
N HIS A 129 0.60 -1.33 -11.61
CA HIS A 129 0.44 -0.17 -10.75
C HIS A 129 0.05 1.03 -11.58
N ASN A 130 -0.97 1.72 -11.17
CA ASN A 130 -1.44 2.91 -11.84
C ASN A 130 -0.60 4.11 -11.46
N ILE A 131 -0.25 4.96 -12.40
CA ILE A 131 0.46 6.20 -12.10
C ILE A 131 -0.62 7.24 -11.80
N CYS A 132 -0.52 7.93 -10.66
CA CYS A 132 -1.54 8.91 -10.28
C CYS A 132 -1.03 10.32 -10.45
N GLU A 133 0.22 10.57 -10.09
CA GLU A 133 0.79 11.90 -10.18
C GLU A 133 2.22 11.82 -10.64
N ILE A 134 2.63 12.75 -11.49
CA ILE A 134 4.00 12.86 -11.93
C ILE A 134 4.42 14.25 -11.53
N ASN A 135 5.32 14.34 -10.55
CA ASN A 135 5.85 15.59 -10.01
C ASN A 135 4.73 16.48 -9.49
N GLY A 136 3.81 15.88 -8.75
CA GLY A 136 2.67 16.59 -8.19
C GLY A 136 1.47 16.72 -9.10
N GLN A 137 1.69 16.71 -10.43
CA GLN A 137 0.60 16.83 -11.40
C GLN A 137 -0.19 15.54 -11.58
N ASN A 138 -1.53 15.57 -11.39
CA ASN A 138 -2.39 14.41 -11.60
C ASN A 138 -2.34 13.89 -13.05
N VAL A 139 -2.42 12.56 -13.25
CA VAL A 139 -2.41 11.95 -14.58
C VAL A 139 -3.58 10.97 -14.82
N ILE A 140 -4.46 10.76 -13.84
CA ILE A 140 -5.59 9.84 -14.04
C ILE A 140 -6.62 10.49 -14.93
N GLY A 141 -7.03 9.77 -15.96
CA GLY A 141 -7.96 10.26 -16.97
C GLY A 141 -7.28 10.64 -18.28
N LEU A 142 -5.96 10.95 -18.19
CA LEU A 142 -5.11 11.39 -19.30
C LEU A 142 -4.74 10.27 -20.25
N LYS A 143 -4.62 10.61 -21.55
CA LYS A 143 -4.17 9.69 -22.59
C LYS A 143 -2.66 9.53 -22.43
N ASP A 144 -2.15 8.33 -22.69
CA ASP A 144 -0.76 7.96 -22.59
C ASP A 144 0.22 8.98 -23.17
N SER A 145 -0.13 9.64 -24.28
CA SER A 145 0.75 10.65 -24.88
C SER A 145 0.87 11.91 -24.01
N GLN A 146 -0.20 12.30 -23.29
CA GLN A 146 -0.15 13.44 -22.37
C GLN A 146 0.71 13.09 -21.14
N ILE A 147 0.72 11.80 -20.74
CA ILE A 147 1.52 11.32 -19.64
C ILE A 147 2.99 11.33 -20.08
N ALA A 148 3.28 10.78 -21.27
CA ALA A 148 4.62 10.76 -21.85
C ALA A 148 5.16 12.17 -21.99
N ASP A 149 4.29 13.11 -22.39
CA ASP A 149 4.60 14.53 -22.55
C ASP A 149 5.05 15.16 -21.24
N ILE A 150 4.37 14.85 -20.13
CA ILE A 150 4.71 15.35 -18.81
C ILE A 150 5.99 14.69 -18.28
N LEU A 151 6.24 13.43 -18.67
CA LEU A 151 7.43 12.69 -18.31
C LEU A 151 8.66 13.33 -18.96
N SER A 152 8.55 13.74 -20.22
CA SER A 152 9.66 14.37 -20.91
C SER A 152 9.88 15.83 -20.46
N THR A 153 8.83 16.50 -19.98
CA THR A 153 8.92 17.88 -19.53
C THR A 153 9.76 18.01 -18.25
N SER A 154 9.73 16.98 -17.38
CA SER A 154 10.48 16.93 -16.12
C SER A 154 12.00 17.02 -16.31
N GLY A 155 12.72 17.40 -15.24
CA GLY A 155 14.17 17.44 -15.25
C GLY A 155 14.74 16.05 -15.04
N THR A 156 15.94 15.93 -14.48
CA THR A 156 16.53 14.61 -14.23
C THR A 156 15.74 13.82 -13.16
N VAL A 157 15.19 14.55 -12.19
CA VAL A 157 14.44 13.96 -11.09
C VAL A 157 12.95 13.74 -11.40
N VAL A 158 12.57 12.46 -11.51
CA VAL A 158 11.19 12.08 -11.76
C VAL A 158 10.54 11.44 -10.53
N THR A 159 9.76 12.20 -9.77
CA THR A 159 9.06 11.67 -8.61
C THR A 159 7.61 11.37 -8.99
N ILE A 160 7.17 10.10 -8.84
CA ILE A 160 5.78 9.76 -9.17
C ILE A 160 5.04 9.05 -8.03
N THR A 161 3.72 9.28 -7.92
CA THR A 161 2.90 8.55 -6.94
C THR A 161 2.17 7.45 -7.71
N ILE A 162 2.07 6.28 -7.10
CA ILE A 162 1.50 5.09 -7.71
C ILE A 162 0.59 4.31 -6.74
N MET A 163 -0.23 3.39 -7.30
CA MET A 163 -1.07 2.54 -6.47
C MET A 163 -1.43 1.24 -7.14
N PRO A 164 -1.53 0.13 -6.38
CA PRO A 164 -1.83 -1.17 -7.02
C PRO A 164 -3.10 -1.13 -7.85
N ALA A 165 -3.03 -1.65 -9.07
CA ALA A 165 -4.17 -1.61 -9.99
C ALA A 165 -5.37 -2.45 -9.54
N PHE A 166 -6.58 -1.84 -9.57
CA PHE A 166 -7.84 -2.50 -9.22
C PHE A 166 -9.01 -1.98 -10.11
N ALA B 2 9.80 8.94 1.40
CA ALA B 2 10.10 9.27 2.80
C ALA B 2 11.50 8.74 3.20
N MET B 3 11.74 7.45 2.98
CA MET B 3 13.02 6.83 3.21
C MET B 3 13.55 6.39 1.85
N ASP B 4 14.70 6.93 1.48
CA ASP B 4 15.36 6.54 0.26
C ASP B 4 15.98 5.18 0.51
N PRO B 5 16.16 4.37 -0.54
CA PRO B 5 16.78 3.04 -0.32
C PRO B 5 18.11 3.09 0.45
N ARG B 6 18.29 2.19 1.41
CA ARG B 6 19.49 2.18 2.24
C ARG B 6 20.33 0.90 2.01
N GLU B 7 21.61 0.95 2.35
CA GLU B 7 22.54 -0.16 2.19
C GLU B 7 22.62 -0.97 3.46
N VAL B 8 22.70 -2.29 3.29
CA VAL B 8 22.76 -3.28 4.36
C VAL B 8 23.83 -4.32 4.00
N ILE B 9 24.74 -4.65 4.90
CA ILE B 9 25.77 -5.65 4.65
C ILE B 9 25.71 -6.71 5.74
N LEU B 10 25.84 -8.00 5.36
CA LEU B 10 25.68 -9.09 6.34
C LEU B 10 26.49 -10.34 6.00
N CYS B 11 26.60 -11.26 6.96
CA CYS B 11 27.38 -12.50 6.81
C CYS B 11 26.52 -13.71 7.14
N LYS B 12 26.70 -14.82 6.40
CA LYS B 12 26.01 -16.07 6.69
C LYS B 12 26.49 -16.60 8.04
N ASP B 13 25.59 -17.21 8.81
CA ASP B 13 25.95 -17.73 10.10
C ASP B 13 26.78 -19.05 9.98
N GLN B 14 27.12 -19.69 11.11
CA GLN B 14 27.88 -20.94 11.16
C GLN B 14 27.24 -22.03 10.28
N ASP B 15 25.88 -22.10 10.29
CA ASP B 15 25.11 -23.06 9.50
C ASP B 15 24.92 -22.68 8.03
N GLY B 16 25.42 -21.52 7.61
CA GLY B 16 25.25 -21.06 6.24
C GLY B 16 23.95 -20.36 5.95
N LYS B 17 23.23 -19.93 6.99
CA LYS B 17 21.94 -19.26 6.80
C LYS B 17 22.01 -17.75 7.05
N ILE B 18 20.98 -17.05 6.57
CA ILE B 18 20.81 -15.61 6.64
C ILE B 18 19.58 -15.22 7.48
N GLY B 19 18.57 -16.08 7.49
CA GLY B 19 17.32 -15.89 8.22
C GLY B 19 16.19 -15.30 7.37
N LEU B 20 16.41 -15.16 6.04
CA LEU B 20 15.40 -14.60 5.14
C LEU B 20 14.57 -15.59 4.32
N ARG B 21 13.32 -15.21 4.10
CA ARG B 21 12.41 -15.90 3.20
C ARG B 21 11.80 -14.75 2.40
N LEU B 22 12.10 -14.71 1.11
CA LEU B 22 11.70 -13.65 0.19
C LEU B 22 10.53 -14.05 -0.68
N LYS B 23 9.65 -13.09 -0.99
CA LYS B 23 8.47 -13.31 -1.81
C LYS B 23 8.44 -12.37 -3.04
N SER B 24 8.13 -12.94 -4.20
CA SER B 24 8.05 -12.20 -5.45
C SER B 24 6.67 -11.51 -5.65
N ILE B 25 6.61 -10.18 -5.48
CA ILE B 25 5.37 -9.44 -5.67
C ILE B 25 5.51 -8.36 -6.76
N ASP B 26 4.77 -8.49 -7.87
CA ASP B 26 4.67 -7.48 -8.91
C ASP B 26 5.98 -7.08 -9.55
N ASN B 27 6.85 -8.06 -9.80
CA ASN B 27 8.16 -7.86 -10.42
C ASN B 27 9.16 -7.13 -9.46
N GLY B 28 8.97 -7.34 -8.17
CA GLY B 28 9.82 -6.83 -7.11
C GLY B 28 9.99 -7.89 -6.03
N ILE B 29 11.07 -7.81 -5.22
CA ILE B 29 11.31 -8.81 -4.16
C ILE B 29 11.04 -8.24 -2.77
N PHE B 30 10.21 -8.95 -1.98
CA PHE B 30 9.85 -8.55 -0.61
C PHE B 30 10.26 -9.55 0.47
N VAL B 31 10.62 -9.05 1.65
CA VAL B 31 10.89 -9.89 2.80
C VAL B 31 9.55 -10.44 3.37
N GLN B 32 9.40 -11.76 3.32
CA GLN B 32 8.20 -12.43 3.80
C GLN B 32 8.40 -12.96 5.25
N LEU B 33 9.64 -13.32 5.60
CA LEU B 33 9.94 -13.83 6.92
C LEU B 33 11.37 -13.52 7.33
N VAL B 34 11.57 -13.12 8.60
CA VAL B 34 12.89 -12.88 9.16
C VAL B 34 12.99 -13.71 10.44
N GLN B 35 13.89 -14.69 10.49
CA GLN B 35 14.10 -15.50 11.68
C GLN B 35 14.82 -14.66 12.74
N ALA B 36 14.39 -14.81 14.00
CA ALA B 36 14.93 -14.09 15.15
C ALA B 36 16.37 -14.48 15.45
N ASN B 37 17.18 -13.49 15.86
CA ASN B 37 18.58 -13.68 16.20
C ASN B 37 19.36 -14.26 15.02
N SER B 38 19.08 -13.75 13.83
CA SER B 38 19.74 -14.16 12.61
C SER B 38 20.47 -12.95 12.00
N PRO B 39 21.38 -13.17 11.03
CA PRO B 39 22.00 -12.00 10.35
C PRO B 39 20.97 -11.00 9.79
N ALA B 40 19.89 -11.48 9.16
CA ALA B 40 18.83 -10.61 8.65
C ALA B 40 18.23 -9.69 9.76
N SER B 41 17.93 -10.25 10.95
CA SER B 41 17.39 -9.50 12.07
C SER B 41 18.42 -8.59 12.74
N LEU B 42 19.69 -9.00 12.72
CA LEU B 42 20.80 -8.26 13.29
C LEU B 42 20.97 -6.95 12.54
N VAL B 43 20.87 -6.98 11.20
CA VAL B 43 21.02 -5.77 10.39
C VAL B 43 19.71 -4.93 10.26
N GLY B 44 18.59 -5.44 10.78
CA GLY B 44 17.35 -4.69 10.78
C GLY B 44 16.32 -5.03 9.74
N LEU B 45 16.40 -6.22 9.12
CA LEU B 45 15.41 -6.64 8.15
C LEU B 45 14.10 -7.04 8.84
N ARG B 46 12.99 -6.65 8.20
CA ARG B 46 11.64 -6.84 8.71
C ARG B 46 10.72 -7.33 7.60
N PHE B 47 9.60 -7.95 7.98
CA PHE B 47 8.57 -8.41 7.08
C PHE B 47 8.02 -7.16 6.36
N GLY B 48 7.99 -7.18 5.02
CA GLY B 48 7.49 -6.05 4.28
C GLY B 48 8.54 -5.19 3.59
N ASP B 49 9.79 -5.37 3.97
CA ASP B 49 10.88 -4.61 3.38
C ASP B 49 11.11 -5.07 1.95
N GLN B 50 11.45 -4.13 1.06
CA GLN B 50 11.73 -4.49 -0.33
C GLN B 50 13.23 -4.62 -0.61
N VAL B 51 13.62 -5.78 -1.14
CA VAL B 51 14.98 -6.02 -1.54
C VAL B 51 15.10 -5.56 -3.00
N LEU B 52 15.78 -4.42 -3.23
CA LEU B 52 15.97 -3.84 -4.57
C LEU B 52 17.18 -4.41 -5.25
N GLN B 53 18.26 -4.64 -4.48
CA GLN B 53 19.53 -5.16 -4.98
C GLN B 53 20.16 -6.18 -4.04
N ILE B 54 20.77 -7.21 -4.64
CA ILE B 54 21.53 -8.19 -3.88
C ILE B 54 22.90 -8.25 -4.55
N ASN B 55 23.92 -7.77 -3.83
CA ASN B 55 25.29 -7.77 -4.31
C ASN B 55 25.49 -6.89 -5.56
N GLY B 56 24.80 -5.75 -5.57
CA GLY B 56 24.87 -4.73 -6.60
C GLY B 56 24.02 -5.00 -7.82
N GLU B 57 23.31 -6.14 -7.84
CA GLU B 57 22.44 -6.58 -8.92
C GLU B 57 20.99 -6.28 -8.60
N ASN B 58 20.27 -5.66 -9.55
CA ASN B 58 18.86 -5.36 -9.38
C ASN B 58 18.01 -6.64 -9.37
N CYS B 59 17.09 -6.75 -8.41
CA CYS B 59 16.22 -7.91 -8.21
C CYS B 59 14.92 -7.87 -9.00
N ALA B 60 14.66 -6.79 -9.75
CA ALA B 60 13.47 -6.63 -10.56
C ALA B 60 13.18 -7.86 -11.44
N GLY B 61 11.99 -8.43 -11.24
CA GLY B 61 11.48 -9.56 -11.99
C GLY B 61 12.09 -10.92 -11.66
N TRP B 62 12.86 -10.99 -10.57
CA TRP B 62 13.43 -12.26 -10.14
C TRP B 62 12.31 -13.09 -9.50
N SER B 63 12.31 -14.42 -9.74
CA SER B 63 11.36 -15.28 -9.04
C SER B 63 11.85 -15.42 -7.57
N SER B 64 10.98 -15.91 -6.66
CA SER B 64 11.34 -16.13 -5.25
C SER B 64 12.49 -17.13 -5.20
N ASP B 65 12.41 -18.26 -5.97
CA ASP B 65 13.43 -19.31 -6.04
C ASP B 65 14.72 -18.76 -6.57
N LYS B 66 14.66 -17.82 -7.55
CA LYS B 66 15.88 -17.18 -8.04
C LYS B 66 16.55 -16.39 -6.91
N ALA B 67 15.79 -15.56 -6.17
CA ALA B 67 16.37 -14.77 -5.07
C ALA B 67 17.04 -15.66 -4.03
N HIS B 68 16.34 -16.74 -3.60
CA HIS B 68 16.82 -17.72 -2.63
C HIS B 68 18.09 -18.42 -3.14
N LYS B 69 18.14 -18.77 -4.42
CA LYS B 69 19.32 -19.41 -5.01
C LYS B 69 20.48 -18.46 -5.08
N VAL B 70 20.23 -17.18 -5.36
CA VAL B 70 21.25 -16.12 -5.40
C VAL B 70 21.90 -15.97 -4.01
N LEU B 71 21.10 -16.03 -2.96
CA LEU B 71 21.60 -15.97 -1.60
C LEU B 71 22.33 -17.26 -1.24
N LYS B 72 21.83 -18.44 -1.68
CA LYS B 72 22.47 -19.72 -1.42
C LYS B 72 23.88 -19.78 -1.98
N GLN B 73 24.05 -19.38 -3.27
CA GLN B 73 25.32 -19.39 -4.02
C GLN B 73 26.31 -18.32 -3.58
N ALA B 74 25.84 -17.27 -2.90
CA ALA B 74 26.67 -16.15 -2.51
C ALA B 74 27.80 -16.55 -1.59
N PHE B 75 28.90 -15.78 -1.64
CA PHE B 75 30.03 -15.94 -0.74
C PHE B 75 29.50 -15.48 0.64
N GLY B 76 29.65 -16.30 1.65
CA GLY B 76 29.13 -16.01 2.96
C GLY B 76 29.53 -14.74 3.68
N GLU B 77 30.37 -13.89 3.08
CA GLU B 77 30.83 -12.67 3.76
C GLU B 77 30.65 -11.44 2.91
N LYS B 78 30.28 -10.32 3.57
CA LYS B 78 30.03 -9.04 2.92
C LYS B 78 28.93 -9.12 1.86
N ILE B 79 27.79 -9.73 2.23
CA ILE B 79 26.66 -9.82 1.32
C ILE B 79 25.94 -8.50 1.45
N THR B 80 25.94 -7.71 0.38
CA THR B 80 25.30 -6.39 0.41
C THR B 80 23.87 -6.44 -0.13
N MET B 81 23.06 -5.46 0.26
CA MET B 81 21.69 -5.34 -0.16
C MET B 81 21.22 -3.89 -0.08
N THR B 82 20.37 -3.52 -1.03
CA THR B 82 19.72 -2.22 -1.03
C THR B 82 18.28 -2.51 -0.65
N ILE B 83 17.85 -1.90 0.43
CA ILE B 83 16.55 -2.15 0.99
C ILE B 83 15.68 -0.91 0.91
N ARG B 84 14.41 -1.10 0.58
CA ARG B 84 13.45 -0.03 0.65
C ARG B 84 12.49 -0.39 1.77
N ASP B 85 12.57 0.35 2.89
CA ASP B 85 11.76 0.11 4.09
C ASP B 85 10.28 0.07 3.78
N ARG B 86 9.60 -0.98 4.32
CA ARG B 86 8.19 -1.36 4.16
C ARG B 86 7.36 -0.46 3.25
N PRO B 87 7.49 -0.58 1.91
CA PRO B 87 6.67 0.26 1.00
C PRO B 87 5.15 0.17 1.22
N PHE B 88 4.58 -1.04 1.41
CA PHE B 88 3.13 -1.21 1.60
C PHE B 88 2.64 -0.89 3.02
N GLU B 89 3.51 -0.41 3.90
CA GLU B 89 3.13 -0.07 5.28
C GLU B 89 2.20 1.12 5.28
N ARG B 90 1.27 1.15 6.23
CA ARG B 90 0.25 2.18 6.34
C ARG B 90 -0.14 2.33 7.83
N THR B 91 -0.35 3.57 8.28
CA THR B 91 -0.70 3.84 9.67
C THR B 91 -2.16 4.18 9.81
N ILE B 92 -2.79 3.70 10.88
CA ILE B 92 -4.18 3.98 11.17
C ILE B 92 -4.40 4.12 12.67
N THR B 93 -5.06 5.21 13.10
CA THR B 93 -5.32 5.44 14.51
C THR B 93 -6.79 5.17 14.87
N MET B 94 -7.02 4.27 15.84
CA MET B 94 -8.36 3.93 16.31
C MET B 94 -8.52 4.28 17.80
N HIS B 95 -9.76 4.33 18.29
CA HIS B 95 -10.05 4.66 19.66
C HIS B 95 -10.86 3.58 20.33
N LYS B 96 -10.46 3.22 21.57
CA LYS B 96 -11.15 2.22 22.38
C LYS B 96 -12.52 2.71 22.79
N ASP B 97 -13.51 1.81 22.87
CA ASP B 97 -14.88 2.15 23.30
C ASP B 97 -15.02 2.04 24.85
N SER B 98 -16.27 2.06 25.41
CA SER B 98 -16.50 1.90 26.86
C SER B 98 -15.80 0.62 27.37
N THR B 99 -16.11 -0.53 26.72
CA THR B 99 -15.58 -1.87 27.01
C THR B 99 -14.07 -2.06 26.82
N GLY B 100 -13.39 -1.05 26.30
CA GLY B 100 -11.95 -1.13 26.10
C GLY B 100 -11.51 -1.86 24.84
N HIS B 101 -12.21 -1.66 23.72
CA HIS B 101 -11.82 -2.28 22.45
C HIS B 101 -11.94 -1.35 21.29
N VAL B 102 -11.08 -1.54 20.27
CA VAL B 102 -11.11 -0.76 19.02
C VAL B 102 -11.97 -1.42 17.92
N GLY B 103 -12.33 -2.69 18.08
CA GLY B 103 -13.29 -3.37 17.22
C GLY B 103 -12.89 -4.21 16.03
N PHE B 104 -11.93 -5.13 16.23
CA PHE B 104 -11.56 -6.03 15.13
C PHE B 104 -11.06 -7.38 15.66
N ILE B 105 -11.16 -8.41 14.84
CA ILE B 105 -10.70 -9.73 15.21
C ILE B 105 -9.42 -10.05 14.46
N PHE B 106 -8.47 -10.76 15.10
CA PHE B 106 -7.21 -11.09 14.45
C PHE B 106 -6.77 -12.54 14.70
N LYS B 107 -6.00 -13.13 13.80
CA LYS B 107 -5.55 -14.50 13.91
C LYS B 107 -4.15 -14.58 13.30
N ASN B 108 -3.17 -14.91 14.13
CA ASN B 108 -1.73 -14.95 13.79
C ASN B 108 -1.25 -13.55 13.37
N GLY B 109 -1.73 -12.50 14.05
CA GLY B 109 -1.36 -11.12 13.76
C GLY B 109 -2.02 -10.55 12.52
N LYS B 110 -2.95 -11.30 11.91
CA LYS B 110 -3.62 -10.85 10.71
C LYS B 110 -5.03 -10.45 11.03
N ILE B 111 -5.48 -9.25 10.61
CA ILE B 111 -6.87 -8.81 10.82
C ILE B 111 -7.78 -9.71 9.98
N THR B 112 -8.81 -10.27 10.60
N THR B 112 -8.82 -10.29 10.59
CA THR B 112 -9.71 -11.24 9.97
CA THR B 112 -9.71 -11.20 9.88
C THR B 112 -11.12 -10.68 9.76
C THR B 112 -11.14 -10.67 9.73
N SER B 113 -11.58 -9.83 10.68
CA SER B 113 -12.94 -9.28 10.61
C SER B 113 -13.06 -7.90 11.24
N ILE B 114 -14.08 -7.14 10.83
CA ILE B 114 -14.35 -5.81 11.38
C ILE B 114 -15.68 -5.83 12.15
N VAL B 115 -15.65 -5.35 13.40
CA VAL B 115 -16.82 -5.31 14.22
C VAL B 115 -17.66 -4.10 13.85
N LYS B 116 -18.97 -4.32 13.70
CA LYS B 116 -20.00 -3.34 13.38
C LYS B 116 -19.96 -2.17 14.39
N ASP B 117 -20.11 -0.93 13.92
CA ASP B 117 -20.17 0.30 14.74
C ASP B 117 -18.97 0.51 15.67
N SER B 118 -17.79 0.09 15.24
CA SER B 118 -16.58 0.24 16.05
C SER B 118 -15.64 1.31 15.49
N SER B 119 -14.50 1.55 16.14
CA SER B 119 -13.50 2.45 15.60
C SER B 119 -12.84 1.82 14.35
N ALA B 120 -12.72 0.48 14.30
CA ALA B 120 -12.18 -0.18 13.11
C ALA B 120 -13.11 0.06 11.92
N ALA B 121 -14.44 0.00 12.15
CA ALA B 121 -15.44 0.24 11.11
C ALA B 121 -15.46 1.71 10.66
N ARG B 122 -15.47 2.67 11.61
CA ARG B 122 -15.50 4.09 11.27
C ARG B 122 -14.23 4.58 10.60
N ASN B 123 -13.08 3.98 10.96
CA ASN B 123 -11.78 4.35 10.38
C ASN B 123 -11.42 3.57 9.10
N GLY B 124 -12.22 2.58 8.76
CA GLY B 124 -12.02 1.79 7.55
C GLY B 124 -10.83 0.87 7.55
N LEU B 125 -10.62 0.15 8.65
CA LEU B 125 -9.54 -0.83 8.73
C LEU B 125 -9.86 -1.99 7.74
N LEU B 126 -8.84 -2.50 7.04
CA LEU B 126 -9.06 -3.58 6.08
C LEU B 126 -8.69 -4.92 6.63
N THR B 127 -9.39 -5.95 6.17
CA THR B 127 -9.11 -7.33 6.56
C THR B 127 -8.01 -7.87 5.66
N GLU B 128 -7.38 -9.00 6.02
CA GLU B 128 -6.26 -9.59 5.27
C GLU B 128 -5.07 -8.65 5.23
N HIS B 129 -4.78 -8.06 6.38
CA HIS B 129 -3.72 -7.13 6.61
C HIS B 129 -2.99 -7.57 7.85
N ASN B 130 -1.66 -7.55 7.81
CA ASN B 130 -0.88 -7.95 8.97
C ASN B 130 -0.58 -6.76 9.85
N ILE B 131 -0.72 -6.94 11.19
CA ILE B 131 -0.39 -5.87 12.12
C ILE B 131 1.11 -5.95 12.33
N CYS B 132 1.79 -4.85 12.09
CA CYS B 132 3.24 -4.75 12.19
C CYS B 132 3.65 -4.19 13.53
N GLU B 133 3.03 -3.06 13.95
CA GLU B 133 3.39 -2.35 15.16
C GLU B 133 2.17 -1.73 15.82
N ILE B 134 2.09 -1.82 17.16
CA ILE B 134 1.03 -1.18 17.91
C ILE B 134 1.72 -0.15 18.80
N ASN B 135 1.32 1.12 18.66
CA ASN B 135 1.89 2.26 19.39
C ASN B 135 3.41 2.31 19.48
N GLY B 136 4.08 1.81 18.45
CA GLY B 136 5.53 1.87 18.38
C GLY B 136 6.26 0.55 18.54
N GLN B 137 5.67 -0.43 19.25
CA GLN B 137 6.37 -1.70 19.42
C GLN B 137 5.97 -2.72 18.39
N ASN B 138 6.97 -3.35 17.81
CA ASN B 138 6.85 -4.38 16.77
C ASN B 138 6.09 -5.57 17.33
N VAL B 139 5.13 -6.08 16.57
CA VAL B 139 4.35 -7.23 17.02
C VAL B 139 4.45 -8.44 16.07
N ILE B 140 5.36 -8.40 15.11
CA ILE B 140 5.56 -9.48 14.17
C ILE B 140 6.38 -10.56 14.84
N GLY B 141 5.90 -11.79 14.79
CA GLY B 141 6.59 -12.91 15.45
C GLY B 141 6.06 -13.21 16.85
N LEU B 142 5.34 -12.27 17.45
CA LEU B 142 4.76 -12.43 18.78
C LEU B 142 3.55 -13.37 18.76
N LYS B 143 3.19 -13.93 19.93
CA LYS B 143 2.00 -14.77 20.04
C LYS B 143 0.75 -13.87 20.12
N ASP B 144 -0.41 -14.38 19.69
CA ASP B 144 -1.68 -13.62 19.72
C ASP B 144 -1.99 -13.08 21.10
N SER B 145 -1.76 -13.90 22.14
CA SER B 145 -1.94 -13.54 23.54
C SER B 145 -1.10 -12.32 23.95
N GLN B 146 0.09 -12.19 23.35
CA GLN B 146 1.01 -11.10 23.60
C GLN B 146 0.55 -9.82 22.93
N ILE B 147 -0.02 -9.93 21.72
CA ILE B 147 -0.62 -8.79 21.04
C ILE B 147 -1.82 -8.26 21.86
N ALA B 148 -2.63 -9.18 22.41
CA ALA B 148 -3.79 -8.89 23.24
C ALA B 148 -3.38 -8.19 24.54
N ASP B 149 -2.25 -8.62 25.12
CA ASP B 149 -1.74 -8.02 26.33
C ASP B 149 -1.28 -6.61 26.08
N ILE B 150 -0.60 -6.36 24.93
CA ILE B 150 -0.12 -5.06 24.46
C ILE B 150 -1.29 -4.10 24.24
N LEU B 151 -2.38 -4.62 23.64
CA LEU B 151 -3.58 -3.86 23.36
C LEU B 151 -4.29 -3.42 24.62
N SER B 152 -4.27 -4.24 25.68
CA SER B 152 -4.93 -3.87 26.93
C SER B 152 -4.09 -2.91 27.77
N THR B 153 -2.74 -3.03 27.72
CA THR B 153 -1.90 -2.08 28.46
C THR B 153 -1.86 -0.71 27.78
N SER B 154 -2.20 -0.62 26.47
CA SER B 154 -2.24 0.65 25.73
C SER B 154 -3.35 1.58 26.28
N GLY B 155 -3.24 2.87 25.99
CA GLY B 155 -4.26 3.84 26.39
C GLY B 155 -5.43 3.85 25.42
N THR B 156 -6.30 4.86 25.49
CA THR B 156 -7.48 4.94 24.62
C THR B 156 -7.12 5.03 23.12
N VAL B 157 -6.05 5.76 22.79
CA VAL B 157 -5.62 5.95 21.41
C VAL B 157 -4.74 4.80 20.94
N VAL B 158 -5.27 3.96 20.05
CA VAL B 158 -4.52 2.82 19.53
C VAL B 158 -4.07 3.02 18.08
N THR B 159 -2.80 3.38 17.87
CA THR B 159 -2.18 3.62 16.56
C THR B 159 -1.45 2.39 16.02
N ILE B 160 -2.00 1.74 15.00
CA ILE B 160 -1.38 0.55 14.44
C ILE B 160 -0.82 0.76 13.03
N THR B 161 0.27 0.04 12.71
CA THR B 161 0.77 0.03 11.37
C THR B 161 0.45 -1.34 10.79
N ILE B 162 -0.07 -1.34 9.57
CA ILE B 162 -0.53 -2.53 8.88
C ILE B 162 0.01 -2.60 7.44
N MET B 163 -0.14 -3.75 6.79
CA MET B 163 0.22 -3.93 5.40
C MET B 163 -0.47 -5.15 4.82
N PRO B 164 -0.78 -5.14 3.51
CA PRO B 164 -1.39 -6.34 2.90
C PRO B 164 -0.61 -7.60 3.19
N ALA B 165 -1.30 -8.69 3.44
CA ALA B 165 -0.66 -9.95 3.82
C ALA B 165 -0.11 -10.73 2.63
N PHE B 166 1.05 -11.37 2.81
CA PHE B 166 1.65 -12.22 1.77
C PHE B 166 2.52 -13.33 2.37
C1 LL6 C . 9.07 6.95 -19.43
C2 LL6 C . 8.51 6.02 -21.61
C3 LL6 C . 7.93 4.82 -22.36
C4 LL6 C . 8.88 4.26 -23.44
C5 LL6 C . 10.29 4.03 -22.97
C6 LL6 C . 11.36 4.60 -23.65
C7 LL6 C . 12.66 4.39 -23.22
N1 LL6 C . 6.62 5.13 -22.89
C8 LL6 C . 12.91 3.60 -22.12
C10 LL6 C . 10.56 3.24 -21.87
O2 LL6 C . 11.13 8.07 -18.97
C19 LL6 C . 10.59 7.01 -19.27
O3 LL6 C . 11.23 5.86 -19.41
C LL6 C . 8.43 6.87 -18.06
N LL6 C . 8.60 5.88 -20.28
O LL6 C . 8.85 7.04 -22.19
C18 LL6 C . 5.66 4.17 -23.03
O1 LL6 C . 5.76 3.01 -22.69
C17 LL6 C . 4.49 4.85 -23.65
C16 LL6 C . 3.26 4.34 -24.05
C15 LL6 C . 2.36 5.19 -24.68
C14 LL6 C . 2.68 6.51 -24.90
C13 LL6 C . 3.89 7.02 -24.48
C12 LL6 C . 4.80 6.18 -23.84
C11 LL6 C . 6.16 6.46 -23.28
C9 LL6 C . 11.85 3.02 -21.44
C1 LL6 D . -8.59 -6.07 19.53
C2 LL6 D . -9.86 -7.96 20.39
C3 LL6 D . -10.46 -9.30 20.04
C4 LL6 D . -11.68 -9.65 20.93
C5 LL6 D . -12.90 -8.85 20.55
C6 LL6 D . -13.17 -7.64 21.16
C7 LL6 D . -14.25 -6.87 20.73
N1 LL6 D . -9.42 -10.30 20.12
C8 LL6 D . -15.07 -7.31 19.72
C10 LL6 D . -13.74 -9.29 19.54
O2 LL6 D . -10.36 -4.67 18.71
C19 LL6 D . -9.60 -4.95 19.63
O3 LL6 D . -9.58 -4.33 20.78
C LL6 D . -7.67 -5.83 18.35
N LL6 D . -9.31 -7.31 19.35
O LL6 D . -9.85 -7.51 21.53
C18 LL6 D . -9.12 -11.14 19.10
O1 LL6 D . -9.65 -11.10 18.00
C17 LL6 D . -8.05 -12.04 19.57
C16 LL6 D . -7.52 -13.19 19.02
C15 LL6 D . -6.59 -13.94 19.73
C14 LL6 D . -6.19 -13.51 20.99
C13 LL6 D . -6.71 -12.36 21.54
C12 LL6 D . -7.67 -11.63 20.84
C11 LL6 D . -8.49 -10.44 21.26
C9 LL6 D . -14.82 -8.53 19.13
C1 GOL E . 30.19 -7.39 -2.32
O1 GOL E . 31.20 -6.52 -1.81
C2 GOL E . 30.80 -8.64 -2.92
O2 GOL E . 31.43 -9.44 -1.90
C3 GOL E . 29.71 -9.43 -3.59
O3 GOL E . 30.17 -10.70 -4.00
#